data_2CGF
#
_entry.id   2CGF
#
_cell.length_a   73.654
_cell.length_b   73.654
_cell.length_c   110.733
_cell.angle_alpha   90.00
_cell.angle_beta   90.00
_cell.angle_gamma   90.00
#
_symmetry.space_group_name_H-M   'P 43 2 2'
#
loop_
_entity.id
_entity.type
_entity.pdbx_description
1 polymer 'ATP-DEPENDENT MOLECULAR CHAPERONE HSP82'
2 non-polymer (5Z)-13-CHLORO-14,16-DIHYDROXY-3,4,7,8,9,10-HEXAHYDRO-1H-2-BENZOXACYCLOTETRADECINE-1,11(12H)-DIONE
3 water water
#
_entity_poly.entity_id   1
_entity_poly.type   'polypeptide(L)'
_entity_poly.pdbx_seq_one_letter_code
;MRGSHHHHHHGMASETFEFQAEITQLMSLIINTVYSNKEIFLRELISNASDALDKIRYKSLSDPKQLETEPDLFIRITPK
PEQKVLEIRDSGIGMTKAELINNLGTIAKSGTKAFMEALSAGADVSMIGQFGVGFYSLFLVADRVQVISKSNDDEQYIWE
SNAGGSFTVTLDEVNERIGRGTILRLFLKDDQLEYLEEKRIKEVIKKHSEFVAYPIQLVVTKEVE
;
_entity_poly.pdbx_strand_id   A
#
loop_
_chem_comp.id
_chem_comp.type
_chem_comp.name
_chem_comp.formula
P2N non-polymer (5Z)-13-CHLORO-14,16-DIHYDROXY-3,4,7,8,9,10-HEXAHYDRO-1H-2-BENZOXACYCLOTETRADECINE-1,11(12H)-DIONE 'C17 H19 Cl O5'
#
# COMPACT_ATOMS: atom_id res chain seq x y z
N ALA A 13 -10.11 -21.10 0.21
CA ALA A 13 -11.45 -20.38 0.26
C ALA A 13 -11.30 -18.95 0.80
N SER A 14 -11.78 -18.01 0.01
CA SER A 14 -11.88 -16.61 0.42
C SER A 14 -12.96 -16.39 1.46
N GLU A 15 -12.78 -15.38 2.30
CA GLU A 15 -13.88 -14.82 3.08
C GLU A 15 -14.17 -13.40 2.60
N THR A 16 -15.44 -13.03 2.56
CA THR A 16 -15.82 -11.71 2.09
C THR A 16 -16.25 -10.80 3.26
N PHE A 17 -15.79 -9.55 3.27
CA PHE A 17 -16.17 -8.58 4.30
C PHE A 17 -16.67 -7.29 3.68
N GLU A 18 -17.46 -6.53 4.42
CA GLU A 18 -17.90 -5.23 3.98
C GLU A 18 -16.99 -4.10 4.49
N PHE A 19 -16.67 -3.13 3.62
CA PHE A 19 -15.99 -1.90 4.09
C PHE A 19 -16.97 -1.07 4.95
N GLN A 20 -16.45 -0.35 5.94
CA GLN A 20 -17.16 0.82 6.44
C GLN A 20 -17.56 1.70 5.23
N ALA A 21 -18.84 2.10 5.15
CA ALA A 21 -19.37 2.78 3.94
C ALA A 21 -18.61 4.04 3.51
N GLU A 22 -18.03 4.78 4.46
CA GLU A 22 -17.28 6.00 4.13
C GLU A 22 -15.99 5.66 3.39
N ILE A 23 -15.40 4.51 3.67
CA ILE A 23 -14.20 4.10 2.95
C ILE A 23 -14.58 3.81 1.48
N THR A 24 -15.69 3.10 1.31
CA THR A 24 -16.26 2.81 -0.01
C THR A 24 -16.48 4.09 -0.80
N GLN A 25 -17.04 5.10 -0.15
CA GLN A 25 -17.21 6.40 -0.74
C GLN A 25 -15.89 7.03 -1.16
N LEU A 26 -14.90 7.00 -0.28
CA LEU A 26 -13.58 7.59 -0.63
C LEU A 26 -12.96 6.85 -1.82
N MET A 27 -13.07 5.52 -1.83
CA MET A 27 -12.51 4.75 -2.96
C MET A 27 -13.18 5.09 -4.29
N SER A 28 -14.49 5.31 -4.24
CA SER A 28 -15.24 5.72 -5.42
C SER A 28 -14.76 7.08 -5.90
N LEU A 29 -14.65 8.05 -5.01
CA LEU A 29 -14.15 9.37 -5.38
C LEU A 29 -12.73 9.27 -5.98
N ILE A 30 -11.83 8.54 -5.33
CA ILE A 30 -10.46 8.46 -5.83
C ILE A 30 -10.33 7.71 -7.16
N ILE A 31 -11.05 6.59 -7.32
CA ILE A 31 -10.88 5.79 -8.55
C ILE A 31 -11.42 6.52 -9.78
N ASN A 32 -12.38 7.43 -9.57
CA ASN A 32 -13.04 8.14 -10.64
C ASN A 32 -12.50 9.57 -10.86
N THR A 33 -11.80 10.12 -9.90
CA THR A 33 -11.35 11.50 -10.02
C THR A 33 -10.44 11.73 -11.24
N VAL A 34 -10.64 12.90 -11.85
CA VAL A 34 -9.75 13.38 -12.91
C VAL A 34 -8.60 14.23 -12.38
N TYR A 35 -8.37 14.21 -11.06
CA TYR A 35 -7.23 14.89 -10.45
C TYR A 35 -5.94 14.62 -11.27
N SER A 36 -5.17 15.67 -11.50
CA SER A 36 -4.10 15.50 -12.47
C SER A 36 -2.77 14.93 -11.92
N ASN A 37 -2.47 15.14 -10.65
N ASN A 37 -2.54 15.08 -10.63
CA ASN A 37 -1.19 14.67 -10.08
CA ASN A 37 -1.26 14.69 -10.03
C ASN A 37 -1.30 13.28 -9.44
C ASN A 37 -1.32 13.28 -9.42
N LYS A 38 -1.60 12.30 -10.27
CA LYS A 38 -1.77 10.89 -9.81
C LYS A 38 -0.51 10.26 -9.15
N GLU A 39 0.66 10.79 -9.50
CA GLU A 39 1.92 10.31 -9.00
C GLU A 39 2.05 10.35 -7.48
N ILE A 40 1.20 11.16 -6.81
CA ILE A 40 1.27 11.30 -5.36
C ILE A 40 1.01 9.96 -4.67
N PHE A 41 0.41 8.98 -5.35
CA PHE A 41 0.14 7.68 -4.70
C PHE A 41 1.45 7.05 -4.13
N LEU A 42 2.56 7.24 -4.84
CA LEU A 42 3.81 6.56 -4.50
C LEU A 42 4.44 7.09 -3.17
N ARG A 43 4.41 8.40 -3.02
CA ARG A 43 4.77 9.02 -1.75
C ARG A 43 3.96 8.45 -0.57
N GLU A 44 2.64 8.31 -0.76
CA GLU A 44 1.76 7.81 0.31
C GLU A 44 2.08 6.37 0.71
N LEU A 45 2.33 5.53 -0.28
CA LEU A 45 2.66 4.12 -0.05
C LEU A 45 4.08 3.93 0.52
N ILE A 46 5.04 4.74 0.09
CA ILE A 46 6.38 4.71 0.67
C ILE A 46 6.35 5.18 2.14
N SER A 47 5.52 6.19 2.41
CA SER A 47 5.34 6.68 3.76
C SER A 47 4.75 5.61 4.70
N ASN A 48 3.71 4.91 4.23
CA ASN A 48 3.14 3.81 4.98
C ASN A 48 4.14 2.68 5.20
N ALA A 49 4.94 2.36 4.17
CA ALA A 49 6.01 1.36 4.26
C ALA A 49 7.03 1.74 5.35
N SER A 50 7.52 2.99 5.27
CA SER A 50 8.42 3.55 6.29
C SER A 50 7.83 3.50 7.70
N ASP A 51 6.58 3.90 7.89
CA ASP A 51 5.91 3.72 9.19
C ASP A 51 5.86 2.28 9.68
N ALA A 52 5.55 1.34 8.79
CA ALA A 52 5.47 -0.07 9.21
C ALA A 52 6.85 -0.61 9.62
N LEU A 53 7.89 -0.13 8.95
CA LEU A 53 9.25 -0.45 9.31
C LEU A 53 9.66 0.15 10.69
N ASP A 54 9.26 1.40 10.96
CA ASP A 54 9.46 2.04 12.27
C ASP A 54 8.87 1.18 13.37
N LYS A 55 7.66 0.64 13.15
CA LYS A 55 6.96 -0.18 14.16
C LYS A 55 7.72 -1.45 14.54
N ILE A 56 8.18 -2.24 13.56
CA ILE A 56 8.91 -3.48 13.88
C ILE A 56 10.25 -3.18 14.57
N ARG A 57 10.92 -2.12 14.14
CA ARG A 57 12.18 -1.69 14.75
C ARG A 57 11.93 -1.25 16.21
N TYR A 58 10.88 -0.46 16.43
CA TYR A 58 10.58 -0.04 17.79
C TYR A 58 10.12 -1.23 18.70
N LYS A 59 9.22 -2.05 18.16
CA LYS A 59 8.87 -3.30 18.78
C LYS A 59 10.06 -4.20 19.13
N SER A 60 11.05 -4.25 18.25
N SER A 60 11.06 -4.26 18.26
CA SER A 60 12.23 -5.11 18.43
CA SER A 60 12.21 -5.14 18.48
C SER A 60 13.12 -4.66 19.60
C SER A 60 13.19 -4.63 19.54
N LEU A 61 12.99 -3.40 19.99
CA LEU A 61 13.78 -2.84 21.10
C LEU A 61 13.68 -3.69 22.37
N SER A 62 12.49 -4.26 22.59
CA SER A 62 12.25 -5.06 23.74
C SER A 62 12.01 -6.51 23.41
N ASP A 63 12.07 -6.86 22.13
CA ASP A 63 11.79 -8.20 21.66
C ASP A 63 12.62 -8.41 20.38
N PRO A 64 13.96 -8.53 20.52
CA PRO A 64 14.83 -8.50 19.33
C PRO A 64 14.59 -9.67 18.35
N LYS A 65 14.10 -10.79 18.87
CA LYS A 65 13.68 -11.97 18.11
C LYS A 65 12.66 -11.67 16.99
N GLN A 66 11.83 -10.65 17.19
CA GLN A 66 10.85 -10.21 16.18
C GLN A 66 11.48 -9.89 14.79
N LEU A 67 12.74 -9.49 14.82
CA LEU A 67 13.48 -9.13 13.61
C LEU A 67 13.96 -10.32 12.81
N GLU A 68 14.03 -11.49 13.43
CA GLU A 68 14.73 -12.67 12.86
C GLU A 68 14.03 -13.29 11.66
N THR A 69 12.74 -13.03 11.52
CA THR A 69 11.97 -13.56 10.40
C THR A 69 12.36 -12.85 9.08
N GLU A 70 12.98 -11.68 9.20
CA GLU A 70 13.49 -10.91 8.06
C GLU A 70 14.36 -9.78 8.59
N PRO A 71 15.66 -10.05 8.80
CA PRO A 71 16.51 -9.00 9.37
C PRO A 71 16.78 -7.78 8.49
N ASP A 72 16.63 -7.85 7.17
CA ASP A 72 16.89 -6.69 6.33
C ASP A 72 15.68 -5.80 6.29
N LEU A 73 15.93 -4.50 6.54
CA LEU A 73 14.86 -3.50 6.64
C LEU A 73 14.85 -2.64 5.39
N PHE A 74 13.81 -2.80 4.57
CA PHE A 74 13.85 -2.19 3.23
C PHE A 74 12.45 -1.86 2.73
N ILE A 75 12.42 -0.96 1.74
CA ILE A 75 11.28 -0.73 0.87
C ILE A 75 11.72 -1.11 -0.55
N ARG A 76 10.87 -1.82 -1.28
CA ARG A 76 11.27 -2.35 -2.58
C ARG A 76 10.12 -2.19 -3.56
N ILE A 77 10.44 -1.63 -4.72
CA ILE A 77 9.46 -1.37 -5.75
C ILE A 77 9.74 -2.25 -6.98
N THR A 78 8.74 -3.03 -7.41
CA THR A 78 8.91 -4.02 -8.48
C THR A 78 7.83 -3.89 -9.53
N PRO A 79 8.18 -3.28 -10.68
CA PRO A 79 7.27 -3.29 -11.85
C PRO A 79 7.22 -4.70 -12.40
N LYS A 80 6.02 -5.16 -12.75
CA LYS A 80 5.83 -6.43 -13.44
C LYS A 80 5.04 -6.12 -14.73
N PRO A 81 5.77 -5.69 -15.77
CA PRO A 81 5.10 -5.14 -16.95
C PRO A 81 4.07 -6.03 -17.63
N GLU A 82 4.36 -7.33 -17.78
CA GLU A 82 3.44 -8.20 -18.50
C GLU A 82 2.10 -8.34 -17.81
N GLN A 83 2.10 -8.35 -16.47
CA GLN A 83 0.86 -8.38 -15.69
C GLN A 83 0.21 -7.02 -15.46
N LYS A 84 0.84 -5.95 -15.96
CA LYS A 84 0.47 -4.55 -15.67
C LYS A 84 0.30 -4.30 -14.17
N VAL A 85 1.33 -4.70 -13.41
CA VAL A 85 1.34 -4.68 -11.96
C VAL A 85 2.53 -3.87 -11.46
N LEU A 86 2.31 -3.01 -10.46
CA LEU A 86 3.42 -2.45 -9.69
C LEU A 86 3.34 -2.95 -8.24
N GLU A 87 4.44 -3.46 -7.70
CA GLU A 87 4.43 -3.91 -6.30
C GLU A 87 5.28 -2.99 -5.46
N ILE A 88 4.77 -2.67 -4.26
CA ILE A 88 5.50 -1.91 -3.23
C ILE A 88 5.58 -2.77 -1.99
N ARG A 89 6.80 -3.23 -1.69
CA ARG A 89 7.08 -4.08 -0.55
C ARG A 89 7.84 -3.40 0.60
N ASP A 90 7.53 -3.80 1.83
CA ASP A 90 8.35 -3.43 2.96
C ASP A 90 8.52 -4.68 3.81
N SER A 91 9.62 -4.75 4.55
CA SER A 91 9.81 -5.78 5.61
C SER A 91 9.43 -5.21 7.02
N GLY A 92 8.35 -4.44 7.07
CA GLY A 92 7.89 -3.84 8.30
C GLY A 92 7.15 -4.84 9.17
N ILE A 93 6.33 -4.30 10.08
CA ILE A 93 5.69 -5.15 11.08
C ILE A 93 4.72 -6.21 10.49
N GLY A 94 4.18 -5.95 9.29
CA GLY A 94 3.15 -6.84 8.71
C GLY A 94 1.79 -6.77 9.44
N MET A 95 0.81 -7.46 8.88
CA MET A 95 -0.52 -7.53 9.45
C MET A 95 -1.04 -8.97 9.52
N THR A 96 -1.66 -9.31 10.65
CA THR A 96 -2.39 -10.58 10.81
C THR A 96 -3.67 -10.48 9.96
N LYS A 97 -4.38 -11.60 9.81
CA LYS A 97 -5.65 -11.59 9.15
C LYS A 97 -6.54 -10.52 9.79
N ALA A 98 -6.65 -10.53 11.12
CA ALA A 98 -7.48 -9.56 11.86
C ALA A 98 -7.06 -8.08 11.64
N GLU A 99 -5.75 -7.82 11.60
CA GLU A 99 -5.22 -6.49 11.28
C GLU A 99 -5.48 -6.02 9.86
N LEU A 100 -5.42 -6.91 8.90
CA LEU A 100 -5.75 -6.58 7.51
C LEU A 100 -7.20 -6.12 7.40
N ILE A 101 -8.10 -6.91 8.01
CA ILE A 101 -9.51 -6.56 8.09
C ILE A 101 -9.73 -5.19 8.75
N ASN A 102 -9.15 -4.99 9.94
CA ASN A 102 -9.36 -3.80 10.73
C ASN A 102 -8.62 -2.57 10.13
N ASN A 103 -7.32 -2.68 9.83
CA ASN A 103 -6.55 -1.57 9.27
C ASN A 103 -7.08 -1.08 7.95
N LEU A 104 -7.44 -2.01 7.05
CA LEU A 104 -7.80 -1.61 5.69
C LEU A 104 -9.29 -1.50 5.41
N GLY A 105 -10.11 -2.19 6.21
CA GLY A 105 -11.53 -2.22 6.00
C GLY A 105 -12.39 -1.42 6.97
N THR A 106 -11.77 -0.91 8.05
CA THR A 106 -12.56 -0.31 9.14
C THR A 106 -12.05 1.03 9.69
N ILE A 107 -10.82 1.05 10.22
CA ILE A 107 -10.34 2.19 11.02
C ILE A 107 -10.12 3.47 10.21
N ALA A 108 -10.05 3.33 8.88
CA ALA A 108 -9.95 4.52 8.01
C ALA A 108 -11.25 5.37 8.00
N LYS A 109 -12.33 4.84 8.56
CA LYS A 109 -13.63 5.51 8.49
C LYS A 109 -13.60 7.02 8.88
N SER A 110 -12.94 7.34 9.98
CA SER A 110 -13.03 8.69 10.49
C SER A 110 -12.20 9.67 9.63
N GLY A 111 -10.98 9.26 9.29
CA GLY A 111 -10.11 9.99 8.38
C GLY A 111 -10.74 10.20 7.01
N THR A 112 -11.45 9.19 6.48
CA THR A 112 -12.06 9.31 5.16
C THR A 112 -13.19 10.35 5.18
N LYS A 113 -14.02 10.31 6.22
CA LYS A 113 -15.14 11.23 6.35
C LYS A 113 -14.64 12.69 6.43
N ALA A 114 -13.68 12.97 7.32
CA ALA A 114 -13.04 14.28 7.43
C ALA A 114 -12.38 14.70 6.10
N PHE A 115 -11.70 13.78 5.43
CA PHE A 115 -11.06 14.08 4.14
C PHE A 115 -12.03 14.47 3.01
N MET A 116 -13.12 13.71 2.90
CA MET A 116 -14.14 14.00 1.91
C MET A 116 -14.80 15.40 2.11
N GLU A 117 -15.01 15.79 3.38
CA GLU A 117 -15.46 17.14 3.73
C GLU A 117 -14.45 18.22 3.29
N ALA A 118 -13.17 18.05 3.62
CA ALA A 118 -12.09 18.90 3.11
C ALA A 118 -12.13 18.98 1.57
N LEU A 119 -12.22 17.83 0.88
CA LEU A 119 -12.29 17.80 -0.57
C LEU A 119 -13.45 18.60 -1.15
N SER A 120 -14.63 18.48 -0.53
CA SER A 120 -15.78 19.31 -0.88
C SER A 120 -15.55 20.80 -0.84
N ALA A 121 -14.69 21.27 0.07
CA ALA A 121 -14.39 22.69 0.26
C ALA A 121 -13.27 23.15 -0.69
N GLY A 122 -12.58 22.18 -1.28
CA GLY A 122 -11.56 22.42 -2.29
C GLY A 122 -10.13 22.00 -1.93
N ALA A 123 -9.98 21.18 -0.90
CA ALA A 123 -8.65 20.66 -0.50
C ALA A 123 -8.03 19.87 -1.62
N ASP A 124 -6.73 20.03 -1.76
CA ASP A 124 -5.99 19.22 -2.72
C ASP A 124 -6.03 17.72 -2.34
N VAL A 125 -6.24 16.85 -3.33
CA VAL A 125 -6.20 15.40 -3.13
C VAL A 125 -4.89 14.98 -2.43
N SER A 126 -3.79 15.70 -2.73
CA SER A 126 -2.48 15.40 -2.13
C SER A 126 -2.48 15.54 -0.61
N MET A 127 -3.51 16.20 -0.03
CA MET A 127 -3.62 16.25 1.44
C MET A 127 -4.01 14.94 2.08
N ILE A 128 -4.31 13.92 1.27
CA ILE A 128 -4.88 12.65 1.76
C ILE A 128 -4.13 11.95 2.94
N GLY A 129 -2.81 11.93 2.91
CA GLY A 129 -2.09 11.30 4.01
C GLY A 129 -2.06 12.11 5.29
N GLN A 130 -2.41 13.40 5.24
CA GLN A 130 -2.60 14.20 6.47
C GLN A 130 -3.89 13.82 7.19
N PHE A 131 -4.80 13.18 6.44
CA PHE A 131 -6.01 12.63 7.03
C PHE A 131 -5.82 11.17 7.41
N GLY A 132 -4.62 10.63 7.16
CA GLY A 132 -4.23 9.29 7.63
C GLY A 132 -4.80 8.19 6.76
N VAL A 133 -5.19 8.54 5.53
CA VAL A 133 -5.91 7.60 4.64
C VAL A 133 -5.23 7.54 3.28
N GLY A 134 -3.93 7.87 3.24
CA GLY A 134 -3.17 7.90 1.98
C GLY A 134 -3.09 6.57 1.21
N PHE A 135 -3.25 5.44 1.90
CA PHE A 135 -3.38 4.13 1.25
C PHE A 135 -4.33 4.14 0.05
N TYR A 136 -5.48 4.82 0.17
CA TYR A 136 -6.52 4.72 -0.86
C TYR A 136 -6.20 5.50 -2.13
N SER A 137 -5.17 6.35 -2.06
CA SER A 137 -4.66 7.08 -3.21
C SER A 137 -4.12 6.16 -4.31
N LEU A 138 -3.90 4.87 -3.97
CA LEU A 138 -3.48 3.89 -4.96
C LEU A 138 -4.53 3.77 -6.10
N PHE A 139 -5.78 4.11 -5.81
CA PHE A 139 -6.86 4.06 -6.78
C PHE A 139 -6.80 5.18 -7.82
N LEU A 140 -5.92 6.16 -7.62
CA LEU A 140 -5.58 7.11 -8.71
C LEU A 140 -4.98 6.40 -9.92
N VAL A 141 -4.20 5.34 -9.67
CA VAL A 141 -3.47 4.68 -10.77
C VAL A 141 -3.85 3.22 -10.98
N ALA A 142 -4.64 2.66 -10.04
CA ALA A 142 -4.93 1.22 -10.07
C ALA A 142 -6.42 1.01 -9.93
N ASP A 143 -6.93 -0.04 -10.56
CA ASP A 143 -8.35 -0.33 -10.34
C ASP A 143 -8.60 -1.55 -9.43
N ARG A 144 -7.51 -2.14 -8.94
CA ARG A 144 -7.55 -3.35 -8.13
C ARG A 144 -6.25 -3.41 -7.33
N VAL A 145 -6.33 -3.90 -6.10
CA VAL A 145 -5.16 -4.09 -5.23
C VAL A 145 -5.24 -5.38 -4.41
N GLN A 146 -4.13 -6.09 -4.32
CA GLN A 146 -3.94 -7.16 -3.36
C GLN A 146 -2.89 -6.70 -2.34
N VAL A 147 -3.25 -6.75 -1.06
CA VAL A 147 -2.31 -6.50 0.02
C VAL A 147 -1.93 -7.87 0.57
N ILE A 148 -0.68 -8.26 0.35
CA ILE A 148 -0.19 -9.55 0.78
C ILE A 148 0.65 -9.30 2.04
N SER A 149 0.32 -9.95 3.15
CA SER A 149 0.98 -9.55 4.38
C SER A 149 1.34 -10.72 5.26
N LYS A 150 2.50 -10.64 5.89
CA LYS A 150 2.99 -11.60 6.86
C LYS A 150 3.45 -10.90 8.15
N SER A 151 2.68 -11.15 9.21
CA SER A 151 3.05 -10.71 10.52
C SER A 151 3.72 -11.90 11.24
N ASN A 152 4.61 -11.60 12.18
CA ASN A 152 5.18 -12.65 13.04
C ASN A 152 4.09 -13.43 13.77
N ASP A 153 2.92 -12.82 13.92
CA ASP A 153 1.81 -13.37 14.71
C ASP A 153 0.77 -14.19 13.95
N ASP A 154 0.90 -14.29 12.63
CA ASP A 154 -0.08 -15.02 11.83
C ASP A 154 0.55 -15.63 10.62
N GLU A 155 -0.24 -16.41 9.90
CA GLU A 155 0.10 -16.87 8.54
C GLU A 155 0.10 -15.71 7.55
N GLN A 156 0.60 -15.97 6.36
CA GLN A 156 0.45 -15.02 5.23
C GLN A 156 -0.97 -14.99 4.68
N TYR A 157 -1.49 -13.78 4.48
CA TYR A 157 -2.85 -13.55 3.98
C TYR A 157 -2.87 -12.53 2.84
N ILE A 158 -3.88 -12.66 1.99
CA ILE A 158 -4.13 -11.78 0.86
C ILE A 158 -5.45 -11.04 1.06
N TRP A 159 -5.37 -9.72 1.11
CA TRP A 159 -6.55 -8.88 1.21
C TRP A 159 -6.73 -8.27 -0.20
N GLU A 160 -7.94 -8.29 -0.71
CA GLU A 160 -8.13 -7.83 -2.08
C GLU A 160 -9.34 -6.90 -2.21
N SER A 161 -9.15 -5.82 -2.97
CA SER A 161 -10.18 -4.81 -3.22
C SER A 161 -10.18 -4.36 -4.67
N ASN A 162 -11.38 -4.08 -5.19
CA ASN A 162 -11.54 -3.43 -6.48
C ASN A 162 -12.28 -2.08 -6.39
N ALA A 163 -12.15 -1.40 -5.24
CA ALA A 163 -12.86 -0.15 -4.91
C ALA A 163 -14.38 -0.29 -4.69
N GLY A 164 -14.90 -1.51 -4.83
CA GLY A 164 -16.30 -1.78 -4.46
C GLY A 164 -16.47 -1.84 -2.94
N GLY A 165 -17.72 -2.06 -2.50
CA GLY A 165 -18.07 -2.08 -1.10
C GLY A 165 -17.64 -3.27 -0.29
N SER A 166 -17.16 -4.31 -0.95
CA SER A 166 -16.69 -5.46 -0.21
C SER A 166 -15.25 -5.87 -0.57
N PHE A 167 -14.56 -6.48 0.38
CA PHE A 167 -13.22 -6.99 0.14
C PHE A 167 -13.11 -8.47 0.55
N THR A 168 -12.08 -9.14 0.04
CA THR A 168 -11.83 -10.51 0.44
C THR A 168 -10.51 -10.62 1.22
N VAL A 169 -10.46 -11.59 2.11
CA VAL A 169 -9.22 -12.04 2.76
C VAL A 169 -9.10 -13.54 2.55
N THR A 170 -7.94 -13.98 2.05
CA THR A 170 -7.69 -15.38 1.70
C THR A 170 -6.35 -15.80 2.24
N LEU A 171 -6.30 -16.95 2.90
CA LEU A 171 -5.03 -17.54 3.29
C LEU A 171 -4.14 -17.74 2.05
N ASP A 172 -2.88 -17.31 2.13
CA ASP A 172 -2.00 -17.21 0.96
C ASP A 172 -1.30 -18.54 0.68
N GLU A 173 -1.68 -19.18 -0.42
CA GLU A 173 -1.01 -20.41 -0.93
C GLU A 173 -0.60 -20.21 -2.38
N VAL A 174 -0.50 -18.95 -2.79
CA VAL A 174 -0.22 -18.68 -4.19
C VAL A 174 0.96 -17.74 -4.41
N ASN A 175 1.37 -16.97 -3.39
CA ASN A 175 2.42 -15.96 -3.61
C ASN A 175 3.72 -16.37 -2.96
N GLU A 176 4.83 -15.72 -3.35
CA GLU A 176 6.10 -15.94 -2.65
C GLU A 176 5.94 -15.70 -1.14
N ARG A 177 6.73 -16.41 -0.36
CA ARG A 177 6.76 -16.18 1.08
C ARG A 177 7.50 -14.87 1.37
N ILE A 178 6.83 -14.00 2.11
CA ILE A 178 7.41 -12.83 2.71
C ILE A 178 7.96 -13.41 4.04
N GLY A 179 9.16 -13.04 4.44
CA GLY A 179 9.61 -13.45 5.78
C GLY A 179 8.76 -12.69 6.79
N ARG A 180 8.69 -11.37 6.61
CA ARG A 180 7.81 -10.50 7.42
C ARG A 180 7.59 -9.23 6.61
N GLY A 181 6.37 -8.70 6.63
CA GLY A 181 6.09 -7.42 6.01
C GLY A 181 4.88 -7.49 5.08
N THR A 182 4.86 -6.59 4.11
CA THR A 182 3.66 -6.33 3.33
C THR A 182 4.03 -5.99 1.89
N ILE A 183 3.30 -6.56 0.95
CA ILE A 183 3.39 -6.18 -0.44
C ILE A 183 2.05 -5.55 -0.84
N LEU A 184 2.08 -4.33 -1.35
CA LEU A 184 0.94 -3.80 -2.09
C LEU A 184 1.10 -4.11 -3.58
N ARG A 185 0.21 -4.95 -4.10
CA ARG A 185 0.26 -5.32 -5.49
C ARG A 185 -0.82 -4.52 -6.20
N LEU A 186 -0.38 -3.54 -6.99
CA LEU A 186 -1.30 -2.65 -7.68
C LEU A 186 -1.52 -3.10 -9.12
N PHE A 187 -2.79 -3.29 -9.50
CA PHE A 187 -3.15 -3.70 -10.87
C PHE A 187 -3.44 -2.39 -11.60
N LEU A 188 -2.46 -1.92 -12.34
CA LEU A 188 -2.51 -0.56 -12.95
C LEU A 188 -3.62 -0.36 -13.98
N LYS A 189 -4.28 0.81 -13.94
CA LYS A 189 -5.24 1.24 -14.97
C LYS A 189 -4.54 1.26 -16.35
N ASP A 190 -5.26 1.06 -17.46
CA ASP A 190 -4.58 0.97 -18.77
C ASP A 190 -3.89 2.23 -19.21
N ASP A 191 -4.35 3.39 -18.73
CA ASP A 191 -3.67 4.63 -19.07
C ASP A 191 -2.55 5.04 -18.10
N GLN A 192 -2.25 4.20 -17.11
CA GLN A 192 -1.26 4.57 -16.06
C GLN A 192 -0.03 3.64 -16.06
N LEU A 193 0.29 3.11 -17.23
CA LEU A 193 1.35 2.12 -17.34
C LEU A 193 2.72 2.74 -17.33
N GLU A 194 2.79 4.08 -17.35
CA GLU A 194 4.07 4.78 -17.14
C GLU A 194 4.71 4.44 -15.78
N TYR A 195 3.87 3.99 -14.83
CA TYR A 195 4.36 3.64 -13.51
C TYR A 195 5.08 2.28 -13.49
N LEU A 196 5.10 1.61 -14.64
CA LEU A 196 5.92 0.41 -14.85
C LEU A 196 7.36 0.74 -15.27
N GLU A 197 7.60 1.99 -15.71
CA GLU A 197 8.90 2.39 -16.28
C GLU A 197 9.90 2.89 -15.25
N GLU A 198 11.12 2.37 -15.31
CA GLU A 198 12.16 2.67 -14.35
C GLU A 198 12.48 4.16 -14.22
N LYS A 199 12.57 4.86 -15.35
CA LYS A 199 12.89 6.29 -15.33
C LYS A 199 11.79 7.11 -14.63
N ARG A 200 10.54 6.83 -14.98
CA ARG A 200 9.37 7.44 -14.35
C ARG A 200 9.32 7.16 -12.85
N ILE A 201 9.41 5.86 -12.48
CA ILE A 201 9.44 5.47 -11.06
C ILE A 201 10.48 6.22 -10.24
N LYS A 202 11.76 6.18 -10.67
CA LYS A 202 12.88 6.93 -10.02
C LYS A 202 12.63 8.43 -9.86
N GLU A 203 12.07 9.05 -10.89
CA GLU A 203 11.76 10.48 -10.93
C GLU A 203 10.72 10.87 -9.83
N VAL A 204 9.63 10.09 -9.72
CA VAL A 204 8.62 10.28 -8.68
C VAL A 204 9.21 10.06 -7.26
N ILE A 205 9.97 8.96 -7.08
CA ILE A 205 10.57 8.63 -5.77
C ILE A 205 11.43 9.79 -5.33
N LYS A 206 12.33 10.23 -6.23
CA LYS A 206 13.27 11.30 -5.90
C LYS A 206 12.62 12.63 -5.45
N LYS A 207 11.44 12.95 -6.00
CA LYS A 207 10.75 14.23 -5.69
C LYS A 207 10.30 14.34 -4.23
N HIS A 208 9.62 13.33 -3.74
CA HIS A 208 8.82 13.52 -2.54
C HIS A 208 9.18 12.49 -1.52
N SER A 209 10.44 12.03 -1.51
CA SER A 209 10.96 11.09 -0.52
C SER A 209 12.51 11.09 -0.54
N GLU A 210 13.14 12.08 0.14
CA GLU A 210 14.62 12.23 0.41
C GLU A 210 14.99 11.92 1.88
N PHE A 211 13.99 12.04 2.78
CA PHE A 211 14.16 11.74 4.19
C PHE A 211 13.43 10.46 4.57
N VAL A 212 13.71 9.38 3.83
CA VAL A 212 13.24 8.05 4.19
C VAL A 212 14.46 7.38 4.83
N ALA A 213 14.29 6.79 6.02
CA ALA A 213 15.42 6.20 6.75
C ALA A 213 15.88 4.83 6.19
N TYR A 214 15.11 4.27 5.27
CA TYR A 214 15.29 2.88 4.79
C TYR A 214 15.70 2.89 3.36
N PRO A 215 16.54 1.92 2.94
CA PRO A 215 16.84 1.87 1.50
C PRO A 215 15.54 1.67 0.68
N ILE A 216 15.42 2.41 -0.42
CA ILE A 216 14.31 2.23 -1.36
C ILE A 216 14.89 1.55 -2.61
N GLN A 217 14.61 0.26 -2.76
CA GLN A 217 15.20 -0.56 -3.82
C GLN A 217 14.28 -0.65 -5.02
N LEU A 218 14.77 -0.31 -6.21
CA LEU A 218 14.01 -0.52 -7.44
C LEU A 218 14.52 -1.76 -8.15
N VAL A 219 13.61 -2.66 -8.48
CA VAL A 219 13.98 -3.92 -9.09
C VAL A 219 13.78 -3.75 -10.55
N VAL A 220 14.89 -3.71 -11.29
CA VAL A 220 14.81 -3.58 -12.75
C VAL A 220 15.30 -4.81 -13.53
N THR A 221 14.56 -5.11 -14.58
CA THR A 221 14.92 -6.18 -15.46
C THR A 221 15.70 -5.63 -16.65
N LYS A 222 16.89 -6.18 -16.86
CA LYS A 222 17.70 -5.78 -17.99
C LYS A 222 18.10 -6.95 -18.86
N GLU A 223 17.92 -6.80 -20.16
CA GLU A 223 18.33 -7.81 -21.12
C GLU A 223 19.85 -7.82 -21.26
N VAL A 224 20.46 -9.01 -21.14
CA VAL A 224 21.90 -9.16 -21.33
C VAL A 224 22.19 -9.64 -22.76
C1 P2N B . 1.29 -2.09 7.40
C2 P2N B . 1.16 -1.43 6.06
C3 P2N B . 2.26 -1.42 5.20
C4 P2N B . 2.18 -0.80 3.95
C5 P2N B . 0.99 -0.18 3.60
C6 P2N B . -0.08 -0.20 4.45
C7 P2N B . -0.02 -0.80 5.69
C8 P2N B . -1.23 -0.79 6.61
C9 P2N B . -1.44 0.51 7.41
C10 P2N B . -0.50 1.72 7.35
C11 P2N B . -0.75 2.79 8.43
C12 P2N B . 0.50 3.50 8.93
C13 P2N B . 1.37 2.79 10.01
C14 P2N B . 0.96 1.43 10.57
C15 P2N B . 1.80 0.45 10.34
C16 P2N B . 1.67 -1.00 10.75
C17 P2N B . 0.80 -1.88 9.83
O1 P2N B . 0.72 -1.37 8.51
O2 P2N B . 1.92 -3.11 7.60
O3 P2N B . 3.40 -2.04 5.58
O4 P2N B . 0.88 0.47 2.42
CL1 P2N B . -1.58 0.59 3.90
O5 P2N B . -2.43 0.52 8.10
#